data_6GHC
#
_entry.id   6GHC
#
_cell.length_a   82.045
_cell.length_b   90.383
_cell.length_c   95.406
_cell.angle_alpha   90.00
_cell.angle_beta   90.00
_cell.angle_gamma   90.00
#
_symmetry.space_group_name_H-M   'P 21 21 21'
#
loop_
_entity.id
_entity.type
_entity.pdbx_description
1 polymer '5-methylcytosine-specific restriction enzyme A'
2 non-polymer 'ZINC ION'
3 water water
#
_entity_poly.entity_id   1
_entity_poly.type   'polypeptide(L)'
_entity_poly.pdbx_seq_one_letter_code
;MGHHHHHHEFMHVFDNNGIELKAECSIGEEDGVYGLILESWGPGDRNKDYNIALDYIIERLVDSGVSQVVVYLASSSVRK
HMHSLDERKIHPGEYFTLIGNSPRDIRLKMCGYQAYFSRTGRKEIPSGNRTKRILINVPGIYSDSFWASIIRGELSELSQ
PTDDESLLNMRVSKLIKKTLSQPEGSRKPVEVERLQKVYVRDPMVEAWILQQSKGICENCGKNAPFYLNDGNPYLEVHHV
IPLSSGGADTTDNCVALCPNCHRELHYSKNAKELIEMLYVNINRLQK
;
_entity_poly.pdbx_strand_id   A,B
#
# COMPACT_ATOMS: atom_id res chain seq x y z
N HIS A 5 -40.42 11.31 -1.15
CA HIS A 5 -39.19 10.75 -0.50
C HIS A 5 -37.98 10.88 -1.42
N HIS A 6 -37.32 12.04 -1.37
CA HIS A 6 -36.27 12.42 -2.30
C HIS A 6 -34.88 12.31 -1.68
N HIS A 7 -33.94 11.68 -2.40
CA HIS A 7 -32.53 11.61 -1.99
C HIS A 7 -31.66 12.37 -3.00
N HIS A 8 -30.54 12.91 -2.53
CA HIS A 8 -29.61 13.74 -3.33
C HIS A 8 -28.15 13.61 -2.90
N GLU A 9 -27.26 13.42 -3.86
CA GLU A 9 -25.82 13.56 -3.65
C GLU A 9 -25.39 14.85 -4.32
N PHE A 10 -24.96 15.84 -3.52
CA PHE A 10 -24.65 17.17 -4.05
C PHE A 10 -23.24 17.26 -4.58
N MET A 11 -23.06 18.05 -5.63
CA MET A 11 -21.80 18.16 -6.35
C MET A 11 -21.67 19.52 -7.06
N HIS A 12 -20.49 19.76 -7.61
CA HIS A 12 -20.24 20.80 -8.60
C HIS A 12 -19.68 20.06 -9.79
N VAL A 13 -19.95 20.55 -10.99
CA VAL A 13 -19.40 19.92 -12.19
C VAL A 13 -17.91 20.26 -12.23
N PHE A 14 -17.08 19.30 -12.65
CA PHE A 14 -15.63 19.48 -12.77
C PHE A 14 -15.28 19.54 -14.24
N ASP A 15 -14.17 20.21 -14.57
CA ASP A 15 -13.61 20.17 -15.93
C ASP A 15 -12.70 18.94 -16.09
N ASN A 16 -12.07 18.79 -17.26
CA ASN A 16 -11.19 17.64 -17.54
C ASN A 16 -9.96 17.55 -16.63
N ASN A 17 -9.52 18.68 -16.10
CA ASN A 17 -8.33 18.76 -15.23
C ASN A 17 -8.65 18.74 -13.74
N GLY A 18 -9.90 18.49 -13.37
CA GLY A 18 -10.31 18.34 -11.98
C GLY A 18 -10.69 19.60 -11.20
N ILE A 19 -10.74 20.74 -11.88
CA ILE A 19 -11.07 22.01 -11.23
C ILE A 19 -12.58 22.12 -11.03
N GLU A 20 -12.97 22.50 -9.81
CA GLU A 20 -14.38 22.67 -9.44
C GLU A 20 -14.98 23.89 -10.12
N LEU A 21 -15.86 23.69 -11.10
CA LEU A 21 -16.53 24.79 -11.80
C LEU A 21 -17.62 25.44 -10.96
N LYS A 22 -17.97 26.68 -11.30
CA LYS A 22 -19.11 27.38 -10.68
C LYS A 22 -20.39 26.90 -11.37
N ALA A 23 -20.79 25.69 -11.01
CA ALA A 23 -21.95 25.03 -11.60
C ALA A 23 -22.35 23.86 -10.71
N GLU A 24 -23.12 24.19 -9.67
CA GLU A 24 -23.56 23.21 -8.68
C GLU A 24 -24.72 22.37 -9.23
N CYS A 25 -24.74 21.11 -8.82
CA CYS A 25 -25.72 20.13 -9.31
C CYS A 25 -25.91 19.04 -8.28
N SER A 26 -26.70 18.02 -8.62
CA SER A 26 -26.80 16.84 -7.77
C SER A 26 -27.26 15.61 -8.55
N ILE A 27 -26.96 14.44 -7.99
CA ILE A 27 -27.49 13.19 -8.48
C ILE A 27 -28.67 12.89 -7.56
N GLY A 28 -29.88 13.11 -8.07
CA GLY A 28 -31.08 13.05 -7.24
C GLY A 28 -32.25 12.42 -7.92
N GLU A 29 -33.26 12.07 -7.12
CA GLU A 29 -34.54 11.58 -7.61
C GLU A 29 -35.62 12.54 -7.13
N GLU A 30 -36.43 13.07 -8.06
CA GLU A 30 -37.52 13.99 -7.74
C GLU A 30 -38.74 13.69 -8.60
N ASP A 31 -39.84 13.32 -7.95
CA ASP A 31 -41.09 12.91 -8.61
C ASP A 31 -40.90 11.66 -9.48
N GLY A 32 -40.18 10.68 -8.94
CA GLY A 32 -39.92 9.40 -9.63
C GLY A 32 -38.79 9.40 -10.65
N VAL A 33 -38.31 10.59 -11.02
CA VAL A 33 -37.32 10.74 -12.08
C VAL A 33 -35.96 10.87 -11.42
N TYR A 34 -35.03 9.99 -11.80
CA TYR A 34 -33.67 9.96 -11.28
C TYR A 34 -32.67 10.44 -12.34
N GLY A 35 -31.78 11.35 -11.95
CA GLY A 35 -30.75 11.83 -12.87
C GLY A 35 -29.91 12.97 -12.34
N LEU A 36 -29.25 13.67 -13.26
CA LEU A 36 -28.40 14.83 -12.95
C LEU A 36 -29.27 16.07 -12.90
N ILE A 37 -29.34 16.73 -11.75
CA ILE A 37 -30.09 17.97 -11.57
C ILE A 37 -29.11 19.13 -11.54
N LEU A 38 -28.97 19.81 -12.67
CA LEU A 38 -28.09 20.98 -12.79
C LEU A 38 -28.83 22.23 -12.32
N GLU A 39 -28.28 22.94 -11.35
CA GLU A 39 -28.93 24.13 -10.78
C GLU A 39 -28.89 25.30 -11.77
N SER A 40 -29.73 26.31 -11.51
CA SER A 40 -29.91 27.43 -12.44
C SER A 40 -28.75 28.43 -12.43
N TRP A 41 -28.49 29.07 -13.60
CA TRP A 41 -27.66 30.28 -13.65
C TRP A 41 -28.51 31.36 -12.98
N GLY A 42 -28.11 31.71 -11.76
CA GLY A 42 -28.96 32.46 -10.84
C GLY A 42 -29.18 33.92 -11.16
N PRO A 43 -29.89 34.62 -10.25
CA PRO A 43 -30.21 36.03 -10.47
C PRO A 43 -28.99 36.95 -10.39
N GLY A 44 -28.02 36.63 -9.53
CA GLY A 44 -26.84 37.47 -9.31
C GLY A 44 -25.54 36.75 -9.60
N ASP A 45 -25.44 36.18 -10.80
CA ASP A 45 -24.26 35.40 -11.26
C ASP A 45 -23.96 34.13 -10.43
N ARG A 46 -25.01 33.51 -9.89
CA ARG A 46 -24.90 32.22 -9.23
C ARG A 46 -24.70 31.17 -10.32
N ASN A 47 -23.71 30.30 -10.15
CA ASN A 47 -23.34 29.30 -11.16
C ASN A 47 -23.01 29.97 -12.49
N LYS A 48 -21.96 30.79 -12.45
CA LYS A 48 -21.51 31.63 -13.58
C LYS A 48 -21.31 30.85 -14.89
N ASP A 49 -20.68 29.68 -14.78
CA ASP A 49 -20.31 28.87 -15.96
C ASP A 49 -21.17 27.59 -16.08
N TYR A 50 -22.49 27.82 -16.06
CA TYR A 50 -23.53 26.80 -16.30
C TYR A 50 -23.38 26.15 -17.67
N ASN A 51 -23.34 26.98 -18.71
CA ASN A 51 -23.20 26.52 -20.10
C ASN A 51 -21.91 25.76 -20.37
N ILE A 52 -20.84 26.13 -19.67
CA ILE A 52 -19.54 25.46 -19.82
C ILE A 52 -19.68 24.05 -19.23
N ALA A 53 -20.21 24.00 -18.00
CA ALA A 53 -20.45 22.75 -17.27
C ALA A 53 -21.37 21.76 -17.98
N LEU A 54 -22.35 22.27 -18.73
CA LEU A 54 -23.27 21.42 -19.49
C LEU A 54 -22.61 20.82 -20.74
N ASP A 55 -21.63 21.52 -21.31
CA ASP A 55 -20.91 21.01 -22.47
C ASP A 55 -20.10 19.78 -22.10
N TYR A 56 -19.40 19.85 -20.96
CA TYR A 56 -18.69 18.69 -20.41
C TYR A 56 -19.62 17.49 -20.18
N ILE A 57 -20.79 17.74 -19.60
CA ILE A 57 -21.80 16.72 -19.35
C ILE A 57 -22.19 16.04 -20.66
N ILE A 58 -22.56 16.84 -21.67
CA ILE A 58 -22.94 16.32 -22.98
C ILE A 58 -21.78 15.56 -23.65
N GLU A 59 -20.56 16.09 -23.51
CA GLU A 59 -19.36 15.41 -24.02
C GLU A 59 -19.18 14.03 -23.37
N ARG A 60 -19.26 13.98 -22.04
CA ARG A 60 -19.07 12.72 -21.29
C ARG A 60 -20.18 11.70 -21.51
N LEU A 61 -21.42 12.18 -21.62
CA LEU A 61 -22.56 11.32 -21.94
C LEU A 61 -22.35 10.60 -23.28
N VAL A 62 -21.88 11.33 -24.27
CA VAL A 62 -21.64 10.76 -25.61
C VAL A 62 -20.46 9.80 -25.59
N ASP A 63 -19.43 10.11 -24.79
CA ASP A 63 -18.27 9.22 -24.62
C ASP A 63 -18.57 7.87 -23.99
N SER A 64 -19.60 7.82 -23.13
CA SER A 64 -19.96 6.61 -22.39
C SER A 64 -21.13 5.81 -23.00
N GLY A 65 -21.50 6.13 -24.24
CA GLY A 65 -22.51 5.35 -24.99
C GLY A 65 -23.92 5.91 -25.03
N VAL A 66 -24.20 6.94 -24.24
CA VAL A 66 -25.54 7.52 -24.15
C VAL A 66 -25.75 8.49 -25.31
N SER A 67 -26.70 8.16 -26.18
CA SER A 67 -27.09 8.97 -27.33
C SER A 67 -28.40 9.73 -27.13
N GLN A 68 -29.19 9.33 -26.12
CA GLN A 68 -30.55 9.86 -25.90
C GLN A 68 -30.75 10.20 -24.43
N VAL A 69 -31.34 11.37 -24.17
CA VAL A 69 -31.71 11.78 -22.82
C VAL A 69 -33.12 12.33 -22.81
N VAL A 70 -33.69 12.45 -21.61
CA VAL A 70 -34.93 13.17 -21.38
C VAL A 70 -34.60 14.29 -20.41
N VAL A 71 -35.02 15.52 -20.75
CA VAL A 71 -34.72 16.71 -19.96
C VAL A 71 -36.03 17.31 -19.47
N TYR A 72 -36.17 17.41 -18.15
CA TYR A 72 -37.33 18.02 -17.51
C TYR A 72 -36.91 19.30 -16.81
N LEU A 73 -37.79 20.29 -16.82
CA LEU A 73 -37.65 21.44 -15.92
C LEU A 73 -37.91 21.00 -14.49
N ALA A 74 -37.08 21.46 -13.56
CA ALA A 74 -37.16 21.05 -12.16
C ALA A 74 -37.10 22.22 -11.18
N SER A 75 -37.44 23.43 -11.63
CA SER A 75 -37.57 24.59 -10.75
C SER A 75 -38.83 24.43 -9.89
N SER A 76 -38.76 24.90 -8.64
CA SER A 76 -39.86 24.73 -7.68
C SER A 76 -41.13 25.51 -8.05
N SER A 77 -41.00 26.56 -8.86
CA SER A 77 -42.15 27.25 -9.44
C SER A 77 -42.90 26.37 -10.43
N VAL A 78 -42.16 25.80 -11.38
CA VAL A 78 -42.70 24.86 -12.38
C VAL A 78 -43.31 23.63 -11.70
N ARG A 79 -42.58 23.05 -10.76
CA ARG A 79 -43.05 21.95 -9.89
C ARG A 79 -44.47 22.18 -9.34
N LYS A 80 -44.74 23.41 -8.92
CA LYS A 80 -46.04 23.80 -8.34
C LYS A 80 -47.12 24.01 -9.41
N HIS A 81 -46.80 24.81 -10.42
CA HIS A 81 -47.79 25.24 -11.42
C HIS A 81 -48.02 24.28 -12.58
N MET A 82 -47.01 23.46 -12.91
CA MET A 82 -47.13 22.40 -13.92
C MET A 82 -47.22 21.06 -13.21
N HIS A 83 -48.35 20.37 -13.38
CA HIS A 83 -48.70 19.23 -12.54
C HIS A 83 -48.41 17.82 -13.10
N SER A 84 -47.91 17.74 -14.33
CA SER A 84 -47.46 16.46 -14.91
C SER A 84 -46.02 16.57 -15.44
N LEU A 85 -45.31 15.44 -15.46
CA LEU A 85 -43.94 15.38 -16.01
C LEU A 85 -43.92 15.60 -17.52
N ASP A 86 -44.93 15.10 -18.23
CA ASP A 86 -45.01 15.26 -19.68
C ASP A 86 -45.02 16.72 -20.14
N GLU A 87 -45.68 17.60 -19.38
CA GLU A 87 -45.63 19.04 -19.67
C GLU A 87 -44.36 19.73 -19.17
N ARG A 88 -43.72 19.16 -18.13
CA ARG A 88 -42.38 19.60 -17.67
C ARG A 88 -41.24 19.24 -18.63
N LYS A 89 -41.47 18.29 -19.53
CA LYS A 89 -40.47 17.88 -20.52
C LYS A 89 -40.24 18.99 -21.57
N ILE A 90 -39.01 19.49 -21.64
CA ILE A 90 -38.70 20.68 -22.46
C ILE A 90 -38.77 20.48 -23.98
N HIS A 91 -38.54 19.25 -24.42
CA HIS A 91 -38.37 18.95 -25.86
C HIS A 91 -39.54 18.11 -26.38
N PRO A 92 -39.96 18.34 -27.64
CA PRO A 92 -40.95 17.46 -28.25
C PRO A 92 -40.28 16.15 -28.64
N GLY A 93 -41.07 15.07 -28.63
CA GLY A 93 -40.51 13.73 -28.84
C GLY A 93 -39.99 13.14 -27.54
N GLU A 94 -40.04 11.82 -27.45
CA GLU A 94 -39.79 11.10 -26.21
C GLU A 94 -38.40 11.40 -25.64
N TYR A 95 -37.42 11.59 -26.52
CA TYR A 95 -36.04 11.87 -26.14
C TYR A 95 -35.48 13.12 -26.85
N PHE A 96 -34.45 13.70 -26.24
CA PHE A 96 -33.56 14.65 -26.89
C PHE A 96 -32.29 13.88 -27.25
N THR A 97 -31.92 13.87 -28.52
CA THR A 97 -30.77 13.09 -28.99
C THR A 97 -29.50 13.94 -29.02
N LEU A 98 -28.42 13.35 -28.54
CA LEU A 98 -27.12 14.02 -28.43
C LEU A 98 -26.32 13.78 -29.71
N ILE A 99 -26.67 14.53 -30.75
CA ILE A 99 -25.99 14.47 -32.06
C ILE A 99 -25.73 15.88 -32.58
N GLY A 100 -24.56 16.07 -33.19
CA GLY A 100 -24.14 17.37 -33.67
C GLY A 100 -22.64 17.44 -33.90
N ASN A 101 -22.20 18.53 -34.53
CA ASN A 101 -20.77 18.77 -34.80
C ASN A 101 -19.96 19.05 -33.53
N SER A 102 -20.62 19.59 -32.50
CA SER A 102 -19.97 19.97 -31.24
C SER A 102 -20.92 19.69 -30.06
N PRO A 103 -20.36 19.46 -28.84
CA PRO A 103 -21.19 19.46 -27.63
C PRO A 103 -21.81 20.83 -27.34
N ARG A 104 -21.14 21.90 -27.77
CA ARG A 104 -21.63 23.27 -27.57
C ARG A 104 -22.86 23.56 -28.41
N ASP A 105 -22.87 23.16 -29.68
CA ASP A 105 -24.05 23.38 -30.53
C ASP A 105 -25.24 22.51 -30.07
N ILE A 106 -24.95 21.29 -29.58
CA ILE A 106 -25.96 20.42 -28.95
C ILE A 106 -26.57 21.09 -27.71
N ARG A 107 -25.72 21.71 -26.90
CA ARG A 107 -26.17 22.46 -25.72
C ARG A 107 -27.05 23.65 -26.08
N LEU A 108 -26.75 24.32 -27.20
CA LEU A 108 -27.58 25.44 -27.69
C LEU A 108 -28.95 24.97 -28.15
N LYS A 109 -29.03 23.78 -28.76
CA LYS A 109 -30.32 23.18 -29.10
C LYS A 109 -31.12 22.92 -27.83
N MET A 110 -30.46 22.29 -26.85
CA MET A 110 -31.09 21.90 -25.60
C MET A 110 -31.60 23.09 -24.80
N CYS A 111 -30.75 24.11 -24.67
CA CYS A 111 -31.11 25.36 -23.98
C CYS A 111 -32.11 26.21 -24.77
N GLY A 112 -32.13 26.07 -26.10
CA GLY A 112 -33.14 26.70 -26.95
C GLY A 112 -34.56 26.31 -26.55
N TYR A 113 -34.75 25.03 -26.25
CA TYR A 113 -36.05 24.53 -25.76
C TYR A 113 -36.48 25.12 -24.42
N GLN A 114 -35.53 25.40 -23.52
CA GLN A 114 -35.82 26.01 -22.21
C GLN A 114 -36.50 27.38 -22.31
N ALA A 115 -36.14 28.15 -23.34
CA ALA A 115 -36.71 29.49 -23.60
C ALA A 115 -38.24 29.50 -23.79
N TYR A 116 -38.81 28.36 -24.20
CA TYR A 116 -40.26 28.21 -24.40
C TYR A 116 -41.09 28.03 -23.11
N PHE A 117 -40.52 28.31 -21.94
CA PHE A 117 -41.21 28.17 -20.67
C PHE A 117 -41.06 29.41 -19.79
N SER A 118 -42.14 29.80 -19.13
CA SER A 118 -42.11 30.81 -18.08
C SER A 118 -41.94 30.08 -16.75
N ARG A 119 -41.99 30.83 -15.65
CA ARG A 119 -41.94 30.23 -14.32
C ARG A 119 -43.24 29.46 -13.98
N THR A 120 -44.37 29.88 -14.57
CA THR A 120 -45.70 29.31 -14.28
C THR A 120 -46.21 28.27 -15.31
N GLY A 121 -45.71 28.30 -16.54
CA GLY A 121 -46.15 27.34 -17.57
C GLY A 121 -45.46 27.49 -18.91
N ARG A 122 -46.03 26.87 -19.94
CA ARG A 122 -45.46 26.90 -21.30
C ARG A 122 -45.75 28.23 -22.00
N LYS A 123 -44.74 28.74 -22.71
CA LYS A 123 -44.74 30.08 -23.28
C LYS A 123 -44.99 30.03 -24.79
N GLU A 124 -45.94 30.83 -25.26
CA GLU A 124 -46.27 30.93 -26.69
C GLU A 124 -45.13 31.54 -27.52
N ILE A 125 -44.50 32.58 -26.98
CA ILE A 125 -43.30 33.20 -27.58
C ILE A 125 -42.10 32.78 -26.73
N PRO A 126 -41.06 32.19 -27.35
CA PRO A 126 -39.87 31.84 -26.55
C PRO A 126 -39.08 33.09 -26.15
N SER A 127 -39.52 33.73 -25.07
CA SER A 127 -38.88 34.92 -24.50
C SER A 127 -38.65 34.67 -23.02
N GLY A 128 -37.82 33.68 -22.73
CA GLY A 128 -37.52 33.25 -21.36
C GLY A 128 -36.05 32.96 -21.17
N ASN A 129 -35.71 32.52 -19.96
CA ASN A 129 -34.32 32.21 -19.61
C ASN A 129 -33.91 30.89 -20.24
N ARG A 130 -32.66 30.82 -20.68
CA ARG A 130 -32.10 29.62 -21.33
C ARG A 130 -31.27 28.75 -20.36
N THR A 131 -31.18 29.17 -19.10
CA THR A 131 -30.25 28.59 -18.13
C THR A 131 -30.99 28.34 -16.80
N LYS A 132 -31.81 27.30 -16.80
CA LYS A 132 -32.69 27.00 -15.67
C LYS A 132 -32.34 25.67 -14.99
N ARG A 133 -32.96 25.45 -13.82
CA ARG A 133 -32.85 24.20 -13.11
C ARG A 133 -33.55 23.12 -13.93
N ILE A 134 -32.80 22.06 -14.26
CA ILE A 134 -33.27 20.98 -15.13
C ILE A 134 -32.80 19.63 -14.59
N LEU A 135 -33.54 18.58 -14.94
CA LEU A 135 -33.14 17.22 -14.60
C LEU A 135 -32.84 16.50 -15.90
N ILE A 136 -31.61 16.03 -16.05
CA ILE A 136 -31.20 15.23 -17.20
C ILE A 136 -31.37 13.77 -16.78
N ASN A 137 -32.40 13.14 -17.35
CA ASN A 137 -32.75 11.76 -17.07
C ASN A 137 -32.22 10.83 -18.16
N VAL A 138 -31.62 9.72 -17.74
CA VAL A 138 -31.36 8.59 -18.61
C VAL A 138 -32.14 7.41 -18.04
N PRO A 139 -33.35 7.15 -18.57
CA PRO A 139 -34.11 6.00 -18.06
C PRO A 139 -33.40 4.68 -18.39
N GLY A 140 -33.40 3.75 -17.44
CA GLY A 140 -32.61 2.52 -17.56
C GLY A 140 -31.39 2.55 -16.67
N ILE A 141 -30.76 3.71 -16.58
CA ILE A 141 -29.63 3.92 -15.69
C ILE A 141 -30.12 4.34 -14.30
N TYR A 142 -29.68 3.63 -13.27
CA TYR A 142 -29.93 3.99 -11.87
C TYR A 142 -28.64 3.85 -11.02
N SER A 143 -27.50 4.28 -11.58
CA SER A 143 -26.21 4.22 -10.88
C SER A 143 -25.71 5.64 -10.52
N ASP A 144 -25.48 5.88 -9.23
CA ASP A 144 -24.80 7.09 -8.75
C ASP A 144 -23.38 7.20 -9.32
N SER A 145 -22.66 6.08 -9.39
CA SER A 145 -21.30 6.08 -9.91
C SER A 145 -21.22 6.42 -11.40
N PHE A 146 -22.28 6.13 -12.16
CA PHE A 146 -22.34 6.56 -13.56
C PHE A 146 -22.44 8.07 -13.64
N TRP A 147 -23.41 8.65 -12.93
CA TRP A 147 -23.58 10.11 -12.91
C TRP A 147 -22.41 10.87 -12.28
N ALA A 148 -21.79 10.26 -11.26
CA ALA A 148 -20.58 10.83 -10.67
C ALA A 148 -19.46 11.00 -11.70
N SER A 149 -19.35 10.05 -12.63
CA SER A 149 -18.36 10.14 -13.70
C SER A 149 -18.75 11.16 -14.78
N ILE A 150 -20.05 11.41 -14.96
CA ILE A 150 -20.51 12.48 -15.84
C ILE A 150 -20.24 13.85 -15.20
N ILE A 151 -20.38 13.92 -13.88
CA ILE A 151 -20.22 15.17 -13.14
C ILE A 151 -18.74 15.49 -12.95
N ARG A 152 -17.96 14.50 -12.53
CA ARG A 152 -16.55 14.69 -12.18
C ARG A 152 -15.54 14.18 -13.22
N GLY A 153 -15.99 13.73 -14.39
CA GLY A 153 -15.10 13.16 -15.40
C GLY A 153 -14.41 11.89 -14.93
N GLU A 154 -13.26 11.59 -15.53
CA GLU A 154 -12.49 10.38 -15.20
C GLU A 154 -11.95 10.35 -13.74
N LEU A 155 -11.89 11.52 -13.10
CA LEU A 155 -11.42 11.65 -11.71
C LEU A 155 -12.20 10.84 -10.66
N SER A 156 -13.50 10.58 -10.89
CA SER A 156 -14.28 9.77 -9.93
C SER A 156 -13.91 8.28 -10.01
N GLU A 157 -13.71 7.76 -11.23
CA GLU A 157 -13.25 6.37 -11.42
C GLU A 157 -11.84 6.16 -10.84
N LEU A 158 -10.93 7.08 -11.16
CA LEU A 158 -9.53 6.98 -10.74
C LEU A 158 -9.32 7.10 -9.23
N SER A 159 -10.24 7.77 -8.54
CA SER A 159 -10.15 7.95 -7.09
C SER A 159 -10.51 6.70 -6.28
N GLN A 160 -11.16 5.72 -6.92
CA GLN A 160 -11.59 4.50 -6.23
C GLN A 160 -10.41 3.69 -5.66
N PRO A 161 -10.50 3.28 -4.37
CA PRO A 161 -9.41 2.46 -3.81
C PRO A 161 -9.41 1.02 -4.29
N THR A 162 -8.22 0.40 -4.31
CA THR A 162 -8.06 -1.00 -4.67
C THR A 162 -6.86 -1.67 -4.01
N ASP A 163 -6.90 -3.00 -4.04
CA ASP A 163 -5.79 -3.86 -3.61
C ASP A 163 -4.81 -4.16 -4.76
N ASP A 164 -5.32 -4.17 -5.99
CA ASP A 164 -4.49 -4.39 -7.20
C ASP A 164 -3.46 -3.27 -7.38
N GLU A 165 -2.19 -3.60 -7.13
CA GLU A 165 -1.09 -2.62 -7.17
C GLU A 165 -0.83 -2.05 -8.57
N SER A 166 -1.04 -2.85 -9.61
CA SER A 166 -0.89 -2.38 -11.00
C SER A 166 -1.94 -1.32 -11.33
N LEU A 167 -3.18 -1.58 -10.94
CA LEU A 167 -4.30 -0.65 -11.15
C LEU A 167 -4.17 0.61 -10.29
N LEU A 168 -3.71 0.44 -9.05
CA LEU A 168 -3.36 1.56 -8.16
C LEU A 168 -2.32 2.49 -8.79
N ASN A 169 -1.36 1.92 -9.51
CA ASN A 169 -0.35 2.71 -10.24
C ASN A 169 -0.90 3.44 -11.47
N MET A 170 -1.75 2.77 -12.25
CA MET A 170 -2.38 3.40 -13.42
C MET A 170 -3.19 4.63 -13.01
N ARG A 171 -3.99 4.45 -11.96
CA ARG A 171 -4.83 5.52 -11.42
C ARG A 171 -4.03 6.67 -10.82
N VAL A 172 -3.06 6.35 -9.97
CA VAL A 172 -2.19 7.37 -9.37
C VAL A 172 -1.47 8.20 -10.43
N SER A 173 -0.89 7.52 -11.42
CA SER A 173 -0.21 8.19 -12.55
C SER A 173 -1.08 9.28 -13.17
N LYS A 174 -2.33 8.91 -13.49
CA LYS A 174 -3.30 9.84 -14.08
C LYS A 174 -3.79 10.93 -13.12
N LEU A 175 -3.91 10.61 -11.83
CA LEU A 175 -4.30 11.61 -10.81
C LEU A 175 -3.26 12.72 -10.53
N ILE A 176 -2.00 12.49 -10.89
CA ILE A 176 -0.94 13.51 -10.72
C ILE A 176 -1.13 14.68 -11.71
N LYS A 177 -1.69 14.40 -12.88
CA LYS A 177 -2.08 15.44 -13.85
C LYS A 177 -3.17 16.39 -13.31
N LYS A 178 -4.10 15.88 -12.51
CA LYS A 178 -5.28 16.63 -12.08
C LYS A 178 -4.94 17.46 -10.85
N THR A 179 -5.70 18.54 -10.62
CA THR A 179 -5.60 19.32 -9.38
C THR A 179 -6.49 18.63 -8.33
N LEU A 180 -5.94 18.43 -7.13
CA LEU A 180 -6.58 17.61 -6.11
C LEU A 180 -6.77 18.39 -4.81
N SER A 181 -8.01 18.38 -4.29
CA SER A 181 -8.29 18.83 -2.92
C SER A 181 -7.95 17.69 -1.95
N GLN A 182 -7.89 18.01 -0.65
CA GLN A 182 -7.38 17.07 0.37
C GLN A 182 -8.23 15.80 0.50
N PRO A 183 -7.60 14.60 0.50
CA PRO A 183 -8.37 13.36 0.41
C PRO A 183 -9.05 12.87 1.69
N GLU A 184 -8.38 13.02 2.84
CA GLU A 184 -8.76 12.39 4.11
C GLU A 184 -8.42 10.88 4.11
N GLY A 185 -9.14 10.07 3.33
CA GLY A 185 -8.87 8.62 3.22
C GLY A 185 -9.42 7.79 4.37
N SER A 186 -8.82 6.62 4.60
CA SER A 186 -9.24 5.69 5.66
C SER A 186 -8.19 5.59 6.78
N ARG A 187 -8.65 5.55 8.03
CA ARG A 187 -7.79 5.33 9.20
C ARG A 187 -7.73 3.85 9.64
N LYS A 188 -8.46 2.98 8.95
CA LYS A 188 -8.45 1.55 9.19
C LYS A 188 -8.71 0.82 7.86
N PRO A 189 -7.66 0.67 7.02
CA PRO A 189 -7.85 0.07 5.68
C PRO A 189 -8.11 -1.45 5.72
N VAL A 190 -8.92 -1.93 4.78
CA VAL A 190 -9.34 -3.33 4.77
C VAL A 190 -8.25 -4.18 4.11
N GLU A 191 -7.86 -5.27 4.77
CA GLU A 191 -6.92 -6.24 4.21
C GLU A 191 -7.68 -7.32 3.43
N VAL A 192 -7.16 -7.68 2.27
CA VAL A 192 -7.78 -8.67 1.38
C VAL A 192 -6.81 -9.84 1.21
N GLU A 193 -7.29 -11.06 1.47
CA GLU A 193 -6.56 -12.26 1.08
C GLU A 193 -6.78 -12.46 -0.43
N ARG A 194 -5.71 -12.30 -1.22
CA ARG A 194 -5.77 -12.45 -2.67
C ARG A 194 -4.81 -13.55 -3.13
N LEU A 195 -5.14 -14.18 -4.25
CA LEU A 195 -4.28 -15.19 -4.87
C LEU A 195 -3.03 -14.54 -5.46
N GLN A 196 -1.94 -15.31 -5.47
CA GLN A 196 -0.66 -14.84 -5.98
C GLN A 196 0.10 -16.00 -6.61
N LYS A 197 0.89 -15.70 -7.65
CA LYS A 197 1.71 -16.70 -8.34
C LYS A 197 3.17 -16.28 -8.22
N VAL A 198 3.91 -17.02 -7.39
CA VAL A 198 5.33 -16.75 -7.11
C VAL A 198 6.17 -17.93 -7.57
N TYR A 199 7.48 -17.72 -7.57
CA TYR A 199 8.43 -18.75 -7.99
C TYR A 199 9.32 -19.19 -6.83
N VAL A 200 9.74 -20.46 -6.86
CA VAL A 200 10.70 -21.00 -5.91
C VAL A 200 12.08 -20.55 -6.37
N ARG A 201 12.80 -19.84 -5.50
CA ARG A 201 14.03 -19.16 -5.86
C ARG A 201 15.25 -19.71 -5.11
N ASP A 202 16.37 -19.83 -5.82
CA ASP A 202 17.62 -20.37 -5.27
C ASP A 202 18.40 -19.24 -4.56
N PRO A 203 18.66 -19.40 -3.24
CA PRO A 203 19.46 -18.39 -2.53
C PRO A 203 20.97 -18.44 -2.80
N MET A 204 21.46 -19.51 -3.42
CA MET A 204 22.88 -19.58 -3.81
C MET A 204 23.15 -18.65 -4.99
N VAL A 205 22.22 -18.65 -5.94
CA VAL A 205 22.27 -17.77 -7.10
C VAL A 205 22.28 -16.30 -6.67
N GLU A 206 21.33 -15.94 -5.83
CA GLU A 206 21.20 -14.56 -5.34
C GLU A 206 22.42 -14.10 -4.54
N ALA A 207 22.84 -14.92 -3.58
CA ALA A 207 24.00 -14.62 -2.73
C ALA A 207 25.31 -14.55 -3.52
N TRP A 208 25.45 -15.39 -4.54
CA TRP A 208 26.62 -15.34 -5.43
C TRP A 208 26.69 -14.00 -6.16
N ILE A 209 25.55 -13.58 -6.73
CA ILE A 209 25.44 -12.32 -7.47
C ILE A 209 25.77 -11.11 -6.59
N LEU A 210 25.28 -11.11 -5.35
CA LEU A 210 25.56 -10.04 -4.40
C LEU A 210 27.04 -9.98 -3.98
N GLN A 211 27.68 -11.14 -3.84
CA GLN A 211 29.13 -11.19 -3.55
C GLN A 211 29.98 -10.60 -4.67
N GLN A 212 29.74 -11.04 -5.91
CA GLN A 212 30.53 -10.59 -7.06
C GLN A 212 30.31 -9.13 -7.48
N SER A 213 29.27 -8.47 -6.97
CA SER A 213 29.08 -7.03 -7.17
C SER A 213 30.02 -6.18 -6.30
N LYS A 214 30.37 -6.69 -5.12
CA LYS A 214 31.21 -5.99 -4.12
C LYS A 214 30.62 -4.67 -3.61
N GLY A 215 29.29 -4.59 -3.55
CA GLY A 215 28.59 -3.40 -3.08
C GLY A 215 28.24 -2.32 -4.10
N ILE A 216 28.71 -2.47 -5.34
CA ILE A 216 28.44 -1.48 -6.41
C ILE A 216 27.46 -2.01 -7.46
N CYS A 217 26.61 -1.10 -7.98
CA CYS A 217 25.56 -1.44 -8.94
C CYS A 217 26.15 -1.73 -10.34
N GLU A 218 25.42 -2.50 -11.14
CA GLU A 218 25.90 -2.96 -12.44
C GLU A 218 25.34 -2.16 -13.64
N ASN A 219 24.68 -1.03 -13.37
CA ASN A 219 24.39 -0.02 -14.42
C ASN A 219 24.77 1.42 -14.04
N CYS A 220 24.53 1.84 -12.78
CA CYS A 220 25.15 3.05 -12.23
C CYS A 220 26.36 2.60 -11.43
N GLY A 221 27.35 3.46 -11.26
CA GLY A 221 28.59 3.09 -10.57
C GLY A 221 28.51 3.05 -9.05
N LYS A 222 27.52 3.74 -8.47
CA LYS A 222 27.51 4.10 -7.05
C LYS A 222 27.50 2.90 -6.10
N ASN A 223 28.00 3.12 -4.89
CA ASN A 223 27.95 2.13 -3.81
C ASN A 223 26.53 1.97 -3.25
N ALA A 224 26.36 0.99 -2.37
CA ALA A 224 25.08 0.75 -1.70
C ALA A 224 24.59 2.01 -0.97
N PRO A 225 23.29 2.32 -1.05
CA PRO A 225 22.73 3.49 -0.36
C PRO A 225 23.01 3.53 1.15
N PHE A 226 22.94 2.38 1.80
CA PHE A 226 23.29 2.25 3.24
C PHE A 226 23.86 0.86 3.52
N TYR A 227 24.66 0.77 4.59
CA TYR A 227 25.16 -0.53 5.04
C TYR A 227 24.09 -1.19 5.90
N LEU A 228 23.69 -2.38 5.50
CA LEU A 228 22.72 -3.17 6.24
C LEU A 228 23.35 -3.65 7.54
N ASN A 229 22.53 -3.72 8.59
CA ASN A 229 22.94 -4.31 9.88
C ASN A 229 23.72 -5.62 9.72
N ASP A 230 24.77 -5.78 10.54
CA ASP A 230 25.83 -6.77 10.31
C ASP A 230 26.72 -6.39 9.12
N GLY A 231 26.77 -5.10 8.77
CA GLY A 231 27.76 -4.56 7.82
C GLY A 231 27.68 -4.95 6.35
N ASN A 232 26.59 -5.60 5.92
CA ASN A 232 26.43 -5.96 4.50
C ASN A 232 26.07 -4.73 3.65
N PRO A 233 26.57 -4.66 2.39
CA PRO A 233 26.15 -3.58 1.51
C PRO A 233 24.78 -3.89 0.88
N TYR A 234 23.81 -3.00 1.06
CA TYR A 234 22.44 -3.22 0.57
C TYR A 234 22.31 -3.06 -0.95
N LEU A 235 22.08 -4.18 -1.63
CA LEU A 235 21.67 -4.18 -3.04
C LEU A 235 20.55 -5.18 -3.23
N GLU A 236 19.93 -5.13 -4.40
CA GLU A 236 18.77 -5.96 -4.74
C GLU A 236 19.07 -6.71 -6.04
N VAL A 237 18.80 -8.01 -6.05
CA VAL A 237 19.01 -8.83 -7.24
C VAL A 237 17.74 -8.83 -8.09
N HIS A 238 17.91 -8.76 -9.41
CA HIS A 238 16.80 -8.66 -10.37
C HIS A 238 17.06 -9.53 -11.58
N HIS A 239 16.04 -10.27 -12.00
CA HIS A 239 16.15 -11.20 -13.13
C HIS A 239 15.92 -10.49 -14.46
N VAL A 240 16.98 -10.34 -15.26
CA VAL A 240 16.94 -9.56 -16.52
C VAL A 240 15.88 -10.05 -17.50
N ILE A 241 15.72 -11.37 -17.59
CA ILE A 241 14.53 -11.98 -18.22
C ILE A 241 13.68 -12.46 -17.04
N PRO A 242 12.42 -11.97 -16.95
CA PRO A 242 11.61 -12.36 -15.79
C PRO A 242 11.32 -13.85 -15.74
N LEU A 243 11.08 -14.37 -14.54
CA LEU A 243 10.73 -15.78 -14.36
C LEU A 243 9.36 -16.07 -14.99
N SER A 244 8.49 -15.05 -14.98
CA SER A 244 7.21 -15.05 -15.70
C SER A 244 7.36 -15.32 -17.20
N SER A 245 8.35 -14.67 -17.82
CA SER A 245 8.64 -14.81 -19.26
C SER A 245 9.49 -16.02 -19.63
N GLY A 246 9.74 -16.93 -18.67
CA GLY A 246 10.54 -18.13 -18.90
C GLY A 246 12.02 -17.91 -18.67
N GLY A 247 12.35 -16.98 -17.77
CA GLY A 247 13.73 -16.70 -17.40
C GLY A 247 14.26 -17.73 -16.43
N ALA A 248 15.54 -18.05 -16.55
CA ALA A 248 16.20 -18.99 -15.64
C ALA A 248 16.60 -18.28 -14.35
N ASP A 249 16.56 -19.01 -13.23
CA ASP A 249 17.10 -18.50 -11.97
C ASP A 249 18.55 -18.95 -11.91
N THR A 250 19.39 -18.20 -12.65
CA THR A 250 20.81 -18.51 -12.81
C THR A 250 21.62 -17.23 -12.67
N THR A 251 22.93 -17.40 -12.56
CA THR A 251 23.88 -16.29 -12.51
C THR A 251 23.89 -15.52 -13.83
N ASP A 252 23.70 -16.24 -14.95
CA ASP A 252 23.63 -15.63 -16.28
C ASP A 252 22.31 -14.88 -16.61
N ASN A 253 21.38 -14.80 -15.67
CA ASN A 253 20.12 -14.07 -15.83
C ASN A 253 19.83 -13.08 -14.68
N CYS A 254 20.83 -12.78 -13.85
CA CYS A 254 20.65 -11.93 -12.65
C CYS A 254 21.68 -10.80 -12.60
N VAL A 255 21.28 -9.68 -11.99
CA VAL A 255 22.17 -8.53 -11.80
C VAL A 255 21.87 -7.86 -10.46
N ALA A 256 22.92 -7.30 -9.84
CA ALA A 256 22.78 -6.57 -8.58
C ALA A 256 22.62 -5.07 -8.87
N LEU A 257 21.61 -4.45 -8.27
CA LEU A 257 21.28 -3.04 -8.51
C LEU A 257 20.85 -2.36 -7.20
N CYS A 258 21.08 -1.05 -7.11
CA CYS A 258 20.51 -0.25 -6.02
C CYS A 258 19.00 -0.09 -6.31
N PRO A 259 18.20 0.21 -5.26
CA PRO A 259 16.74 0.34 -5.45
C PRO A 259 16.33 1.28 -6.59
N ASN A 260 17.00 2.43 -6.72
CA ASN A 260 16.77 3.37 -7.82
C ASN A 260 16.92 2.71 -9.21
N CYS A 261 18.04 2.03 -9.40
CA CYS A 261 18.31 1.30 -10.65
C CYS A 261 17.39 0.10 -10.88
N HIS A 262 16.94 -0.53 -9.80
CA HIS A 262 15.98 -1.65 -9.87
C HIS A 262 14.62 -1.16 -10.40
N ARG A 263 14.10 -0.07 -9.83
CA ARG A 263 12.85 0.53 -10.29
C ARG A 263 12.97 1.10 -11.71
N GLU A 264 14.16 1.58 -12.05
CA GLU A 264 14.42 2.14 -13.40
C GLU A 264 14.25 1.08 -14.50
N LEU A 265 14.72 -0.14 -14.26
CA LEU A 265 14.55 -1.25 -15.21
C LEU A 265 13.12 -1.78 -15.28
N HIS A 266 12.34 -1.60 -14.21
CA HIS A 266 10.94 -2.04 -14.17
C HIS A 266 9.98 -1.03 -14.82
N TYR A 267 9.93 0.19 -14.28
CA TYR A 267 8.84 1.13 -14.56
C TYR A 267 9.06 2.19 -15.65
N SER A 268 10.30 2.39 -16.11
CA SER A 268 10.58 3.30 -17.22
C SER A 268 10.18 2.69 -18.56
N LYS A 269 9.87 3.54 -19.54
CA LYS A 269 9.76 3.12 -20.95
C LYS A 269 11.16 2.97 -21.54
N ASN A 270 12.08 3.84 -21.12
CA ASN A 270 13.49 3.78 -21.50
C ASN A 270 14.26 2.58 -20.90
N ALA A 271 13.59 1.81 -20.03
CA ALA A 271 14.11 0.54 -19.49
C ALA A 271 14.45 -0.51 -20.55
N LYS A 272 13.63 -0.61 -21.59
CA LYS A 272 13.88 -1.54 -22.70
C LYS A 272 15.22 -1.30 -23.41
N GLU A 273 15.73 -0.07 -23.32
CA GLU A 273 17.05 0.28 -23.83
C GLU A 273 18.15 0.10 -22.78
N LEU A 274 17.83 0.36 -21.50
CA LEU A 274 18.76 0.08 -20.37
C LEU A 274 19.15 -1.40 -20.25
N ILE A 275 18.21 -2.30 -20.53
CA ILE A 275 18.46 -3.75 -20.57
C ILE A 275 19.57 -4.10 -21.56
N GLU A 276 19.55 -3.44 -22.72
CA GLU A 276 20.52 -3.73 -23.80
C GLU A 276 21.95 -3.45 -23.34
N MET A 277 22.12 -2.42 -22.51
CA MET A 277 23.44 -2.02 -22.01
C MET A 277 24.01 -2.94 -20.95
N LEU A 278 23.16 -3.75 -20.29
CA LEU A 278 23.64 -4.79 -19.36
C LEU A 278 24.32 -5.95 -20.08
N TYR A 279 23.81 -6.33 -21.26
CA TYR A 279 24.46 -7.35 -22.09
C TYR A 279 25.79 -6.89 -22.69
N VAL A 280 25.98 -5.58 -22.85
CA VAL A 280 27.25 -5.02 -23.32
C VAL A 280 28.27 -5.04 -22.20
N ASN A 281 27.94 -4.37 -21.09
CA ASN A 281 28.86 -4.20 -19.96
C ASN A 281 29.13 -5.48 -19.17
N ILE A 282 28.06 -6.22 -18.86
CA ILE A 282 28.16 -7.49 -18.11
C ILE A 282 28.16 -8.67 -19.09
N ASN A 283 29.35 -9.21 -19.35
CA ASN A 283 29.54 -10.31 -20.32
C ASN A 283 29.29 -11.71 -19.76
N ARG A 284 29.09 -11.82 -18.44
CA ARG A 284 28.53 -13.01 -17.81
C ARG A 284 27.19 -13.44 -18.44
N LEU A 285 26.32 -12.45 -18.69
CA LEU A 285 24.91 -12.70 -19.02
C LEU A 285 24.72 -13.39 -20.37
N GLN A 286 23.74 -14.30 -20.42
CA GLN A 286 23.39 -15.04 -21.63
C GLN A 286 21.89 -14.95 -21.89
N LYS A 287 21.52 -15.08 -23.16
CA LYS A 287 20.13 -14.92 -23.59
C LYS A 287 19.92 -15.52 -24.98
N GLY B 2 -8.27 -21.52 12.73
CA GLY B 2 -9.15 -22.34 13.63
C GLY B 2 -8.74 -22.25 15.08
N HIS B 3 -8.87 -21.05 15.65
CA HIS B 3 -8.53 -20.78 17.05
C HIS B 3 -9.75 -20.71 18.00
N HIS B 4 -10.92 -21.16 17.54
CA HIS B 4 -12.18 -21.07 18.30
C HIS B 4 -12.89 -22.43 18.40
N HIS B 5 -13.46 -22.70 19.57
CA HIS B 5 -14.19 -23.95 19.89
C HIS B 5 -13.29 -25.16 20.24
N HIS B 6 -11.97 -25.02 20.10
CA HIS B 6 -11.00 -26.09 20.39
C HIS B 6 -9.93 -25.51 21.31
N HIS B 7 -9.87 -25.97 22.56
CA HIS B 7 -8.85 -25.49 23.51
C HIS B 7 -7.46 -25.81 22.97
N HIS B 8 -6.76 -24.76 22.52
CA HIS B 8 -5.40 -24.88 22.02
C HIS B 8 -4.51 -25.43 23.13
N GLU B 9 -3.73 -26.47 22.80
CA GLU B 9 -2.77 -27.05 23.73
C GLU B 9 -1.42 -26.36 23.50
N PHE B 10 -0.58 -26.36 24.52
CA PHE B 10 0.74 -25.75 24.42
C PHE B 10 1.72 -26.69 23.72
N MET B 11 2.49 -26.13 22.79
CA MET B 11 3.66 -26.81 22.22
C MET B 11 4.82 -26.74 23.20
N HIS B 12 5.76 -27.66 23.04
CA HIS B 12 6.94 -27.75 23.89
C HIS B 12 8.17 -27.74 23.02
N VAL B 13 9.22 -27.06 23.47
CA VAL B 13 10.47 -26.96 22.73
C VAL B 13 11.22 -28.29 22.83
N PHE B 14 11.70 -28.76 21.69
CA PHE B 14 12.45 -30.01 21.63
C PHE B 14 13.92 -29.69 21.82
N ASP B 15 14.64 -30.54 22.56
CA ASP B 15 16.10 -30.41 22.70
C ASP B 15 16.78 -30.94 21.42
N ASN B 16 18.11 -30.99 21.41
CA ASN B 16 18.88 -31.47 20.24
C ASN B 16 18.76 -32.97 19.95
N ASN B 17 18.38 -33.76 20.95
CA ASN B 17 18.11 -35.19 20.77
C ASN B 17 16.65 -35.49 20.40
N GLY B 18 15.88 -34.45 20.06
CA GLY B 18 14.48 -34.58 19.67
C GLY B 18 13.49 -34.76 20.81
N ILE B 19 13.95 -34.63 22.05
CA ILE B 19 13.11 -34.93 23.23
C ILE B 19 12.46 -33.65 23.75
N GLU B 20 11.20 -33.80 24.18
CA GLU B 20 10.36 -32.69 24.66
C GLU B 20 10.95 -32.08 25.94
N LEU B 21 11.04 -30.75 25.98
CA LEU B 21 11.45 -30.02 27.20
C LEU B 21 10.23 -29.56 28.00
N LYS B 22 10.46 -29.28 29.28
CA LYS B 22 9.46 -28.61 30.13
C LYS B 22 9.53 -27.12 29.87
N ALA B 23 8.98 -26.71 28.74
CA ALA B 23 9.08 -25.32 28.28
C ALA B 23 7.96 -25.03 27.29
N GLU B 24 6.79 -24.74 27.85
CA GLU B 24 5.60 -24.40 27.08
C GLU B 24 5.87 -23.23 26.13
N CYS B 25 5.33 -23.31 24.92
CA CYS B 25 5.38 -22.20 23.99
C CYS B 25 4.23 -22.30 22.99
N SER B 26 4.11 -21.28 22.14
CA SER B 26 3.11 -21.31 21.08
C SER B 26 3.52 -20.35 19.98
N ILE B 27 2.88 -20.51 18.81
CA ILE B 27 3.10 -19.65 17.66
C ILE B 27 1.79 -18.92 17.37
N GLY B 28 1.83 -17.59 17.41
CA GLY B 28 0.63 -16.79 17.15
C GLY B 28 0.88 -15.30 17.06
N GLU B 29 -0.17 -14.57 16.69
CA GLU B 29 -0.14 -13.11 16.71
C GLU B 29 -0.83 -12.59 17.98
N GLU B 30 -0.30 -11.52 18.54
CA GLU B 30 -0.93 -10.83 19.66
C GLU B 30 -0.69 -9.33 19.56
N ASP B 31 -1.78 -8.56 19.62
CA ASP B 31 -1.73 -7.09 19.66
C ASP B 31 -0.84 -6.51 18.55
N GLY B 32 -1.05 -6.99 17.32
CA GLY B 32 -0.36 -6.46 16.13
C GLY B 32 1.02 -7.02 15.81
N VAL B 33 1.57 -7.88 16.69
CA VAL B 33 2.90 -8.48 16.49
C VAL B 33 2.84 -10.02 16.51
N TYR B 34 3.65 -10.65 15.65
CA TYR B 34 3.62 -12.09 15.41
C TYR B 34 4.96 -12.79 15.69
N GLY B 35 4.90 -13.94 16.33
CA GLY B 35 6.08 -14.77 16.58
C GLY B 35 5.88 -15.87 17.61
N LEU B 36 7.00 -16.30 18.20
CA LEU B 36 7.01 -17.40 19.16
C LEU B 36 6.78 -16.83 20.55
N ILE B 37 5.77 -17.34 21.25
CA ILE B 37 5.44 -16.88 22.60
C ILE B 37 5.90 -17.94 23.60
N LEU B 38 7.06 -17.70 24.20
CA LEU B 38 7.57 -18.58 25.26
C LEU B 38 6.83 -18.26 26.55
N GLU B 39 6.26 -19.27 27.18
CA GLU B 39 5.54 -19.10 28.44
C GLU B 39 6.52 -18.90 29.59
N SER B 40 6.05 -18.26 30.65
CA SER B 40 6.89 -17.92 31.80
C SER B 40 7.24 -19.15 32.62
N TRP B 41 8.38 -19.08 33.32
CA TRP B 41 8.71 -20.03 34.36
C TRP B 41 7.73 -19.75 35.49
N GLY B 42 7.00 -20.79 35.91
CA GLY B 42 5.89 -20.63 36.83
C GLY B 42 6.25 -20.89 38.27
N PRO B 43 5.28 -20.69 39.19
CA PRO B 43 5.44 -21.20 40.55
C PRO B 43 5.36 -22.73 40.58
N GLY B 44 6.19 -23.36 41.40
CA GLY B 44 6.22 -24.82 41.52
C GLY B 44 6.88 -25.55 40.35
N ASP B 45 7.74 -24.85 39.61
CA ASP B 45 8.54 -25.43 38.53
C ASP B 45 7.71 -26.02 37.38
N ARG B 46 6.80 -25.20 36.82
CA ARG B 46 5.93 -25.64 35.72
C ARG B 46 6.71 -25.71 34.41
N ASN B 47 7.51 -24.68 34.13
CA ASN B 47 8.36 -24.63 32.94
C ASN B 47 9.83 -24.58 33.34
N LYS B 48 10.23 -25.64 34.04
CA LYS B 48 11.60 -25.80 34.57
C LYS B 48 12.72 -25.57 33.54
N ASP B 49 12.47 -25.86 32.27
CA ASP B 49 13.49 -25.75 31.21
C ASP B 49 13.46 -24.43 30.41
N TYR B 50 12.82 -23.40 30.94
CA TYR B 50 12.73 -22.06 30.28
C TYR B 50 14.06 -21.57 29.71
N ASN B 51 15.08 -21.51 30.57
CA ASN B 51 16.40 -20.98 30.21
C ASN B 51 17.07 -21.83 29.13
N ILE B 52 17.13 -23.13 29.35
CA ILE B 52 17.73 -24.06 28.36
C ILE B 52 16.93 -24.10 27.04
N ALA B 53 15.60 -24.00 27.14
CA ALA B 53 14.75 -23.91 25.94
C ALA B 53 15.02 -22.62 25.16
N LEU B 54 15.22 -21.53 25.88
CA LEU B 54 15.53 -20.25 25.27
C LEU B 54 16.92 -20.28 24.61
N ASP B 55 17.87 -20.99 25.22
CA ASP B 55 19.20 -21.18 24.64
C ASP B 55 19.12 -21.82 23.26
N TYR B 56 18.30 -22.87 23.15
CA TYR B 56 18.13 -23.58 21.89
C TYR B 56 17.43 -22.76 20.80
N ILE B 57 16.45 -21.94 21.18
CA ILE B 57 15.76 -21.07 20.22
C ILE B 57 16.75 -20.08 19.58
N ILE B 58 17.56 -19.43 20.42
CA ILE B 58 18.54 -18.44 19.98
C ILE B 58 19.57 -19.11 19.07
N GLU B 59 20.04 -20.27 19.49
CA GLU B 59 20.98 -21.10 18.74
C GLU B 59 20.48 -21.40 17.32
N ARG B 60 19.21 -21.77 17.22
CA ARG B 60 18.61 -22.21 15.95
C ARG B 60 18.26 -21.05 15.01
N LEU B 61 17.84 -19.93 15.59
CA LEU B 61 17.62 -18.70 14.83
C LEU B 61 18.90 -18.25 14.12
N VAL B 62 20.01 -18.26 14.87
CA VAL B 62 21.34 -17.86 14.36
C VAL B 62 21.81 -18.80 13.24
N ASP B 63 21.67 -20.10 13.43
CA ASP B 63 22.06 -21.08 12.40
C ASP B 63 21.18 -21.01 11.15
N SER B 64 19.93 -20.57 11.30
CA SER B 64 19.02 -20.37 10.17
C SER B 64 19.17 -19.00 9.47
N GLY B 65 20.03 -18.13 10.00
CA GLY B 65 20.40 -16.87 9.34
C GLY B 65 19.74 -15.61 9.87
N VAL B 66 19.15 -15.71 11.06
CA VAL B 66 18.51 -14.57 11.71
C VAL B 66 19.60 -13.79 12.45
N SER B 67 19.91 -12.58 11.97
CA SER B 67 20.92 -11.73 12.61
C SER B 67 20.32 -10.93 13.77
N GLN B 68 19.16 -10.34 13.53
CA GLN B 68 18.51 -9.45 14.49
C GLN B 68 17.06 -9.85 14.73
N VAL B 69 16.60 -9.67 15.97
CA VAL B 69 15.22 -9.96 16.36
C VAL B 69 14.61 -8.79 17.11
N VAL B 70 13.37 -8.96 17.57
CA VAL B 70 12.71 -8.02 18.48
C VAL B 70 11.97 -8.84 19.52
N VAL B 71 12.27 -8.63 20.80
CA VAL B 71 11.66 -9.35 21.90
C VAL B 71 10.75 -8.42 22.69
N TYR B 72 9.50 -8.84 22.90
CA TYR B 72 8.48 -8.07 23.60
C TYR B 72 8.12 -8.76 24.90
N LEU B 73 7.77 -7.95 25.90
CA LEU B 73 7.28 -8.48 27.17
C LEU B 73 5.79 -8.78 26.95
N ALA B 74 5.39 -10.01 27.23
CA ALA B 74 4.09 -10.53 26.80
C ALA B 74 3.26 -11.16 27.92
N SER B 75 3.56 -10.82 29.18
CA SER B 75 2.72 -11.24 30.31
C SER B 75 1.46 -10.37 30.30
N SER B 76 0.35 -10.92 30.79
CA SER B 76 -0.95 -10.25 30.72
C SER B 76 -0.97 -8.83 31.32
N SER B 77 -0.21 -8.61 32.38
CA SER B 77 -0.11 -7.28 33.00
C SER B 77 0.51 -6.23 32.08
N VAL B 78 1.68 -6.54 31.52
CA VAL B 78 2.41 -5.57 30.66
C VAL B 78 1.54 -5.06 29.51
N ARG B 79 0.88 -5.98 28.81
CA ARG B 79 0.00 -5.64 27.69
C ARG B 79 -1.18 -4.72 28.07
N LYS B 80 -1.67 -4.83 29.30
CA LYS B 80 -2.70 -3.92 29.83
C LYS B 80 -2.13 -2.51 30.03
N HIS B 81 -1.05 -2.43 30.81
CA HIS B 81 -0.48 -1.14 31.25
C HIS B 81 0.45 -0.46 30.24
N MET B 82 0.80 -1.15 29.16
CA MET B 82 1.65 -0.58 28.10
C MET B 82 1.02 -0.90 26.76
N HIS B 83 0.54 0.12 26.08
CA HIS B 83 -0.25 -0.04 24.86
C HIS B 83 0.61 0.01 23.58
N SER B 84 1.69 0.79 23.62
CA SER B 84 2.60 0.92 22.48
C SER B 84 3.54 -0.29 22.35
N LEU B 85 3.98 -0.56 21.12
CA LEU B 85 4.98 -1.61 20.83
C LEU B 85 6.39 -1.16 21.21
N ASP B 86 6.69 0.13 21.03
CA ASP B 86 7.99 0.70 21.39
C ASP B 86 8.31 0.58 22.90
N GLU B 87 7.28 0.62 23.74
CA GLU B 87 7.47 0.54 25.19
C GLU B 87 7.47 -0.89 25.75
N ARG B 88 6.69 -1.78 25.15
CA ARG B 88 6.68 -3.20 25.54
C ARG B 88 7.93 -3.97 25.14
N LYS B 89 8.69 -3.46 24.17
CA LYS B 89 9.97 -4.08 23.80
C LYS B 89 10.93 -3.95 24.98
N ILE B 90 11.69 -5.00 25.25
CA ILE B 90 12.52 -5.09 26.45
C ILE B 90 13.92 -4.49 26.29
N HIS B 91 14.33 -4.20 25.05
CA HIS B 91 15.71 -3.82 24.76
C HIS B 91 15.80 -2.42 24.11
N PRO B 92 16.92 -1.71 24.35
CA PRO B 92 17.10 -0.40 23.72
C PRO B 92 17.49 -0.56 22.26
N GLY B 93 17.00 0.34 21.41
CA GLY B 93 17.18 0.22 19.96
C GLY B 93 16.12 -0.69 19.36
N GLU B 94 15.89 -0.55 18.07
CA GLU B 94 14.79 -1.26 17.40
C GLU B 94 15.02 -2.75 17.18
N TYR B 95 16.28 -3.19 17.17
CA TYR B 95 16.63 -4.58 16.89
C TYR B 95 17.68 -5.14 17.86
N PHE B 96 17.32 -6.23 18.54
CA PHE B 96 18.24 -7.00 19.39
C PHE B 96 19.04 -7.94 18.49
N THR B 97 20.37 -7.82 18.48
CA THR B 97 21.22 -8.65 17.62
C THR B 97 21.65 -9.92 18.34
N LEU B 98 21.81 -10.99 17.56
CA LEU B 98 22.26 -12.30 18.05
C LEU B 98 23.68 -12.63 17.58
N ILE B 99 24.25 -11.76 16.75
CA ILE B 99 25.54 -12.01 16.07
C ILE B 99 26.75 -12.00 17.04
N GLY B 100 26.74 -11.07 18.00
CA GLY B 100 27.92 -10.83 18.84
C GLY B 100 28.47 -12.00 19.62
N ASN B 101 27.61 -12.70 20.36
CA ASN B 101 28.04 -13.64 21.38
C ASN B 101 27.36 -15.00 21.29
N SER B 102 27.70 -15.88 22.23
CA SER B 102 27.11 -17.22 22.32
C SER B 102 25.63 -17.13 22.75
N PRO B 103 24.84 -18.19 22.46
CA PRO B 103 23.42 -18.18 22.82
C PRO B 103 23.11 -17.99 24.31
N ARG B 104 23.98 -18.49 25.20
CA ARG B 104 23.83 -18.26 26.65
C ARG B 104 23.97 -16.80 27.05
N ASP B 105 24.99 -16.14 26.51
CA ASP B 105 25.23 -14.71 26.76
C ASP B 105 24.06 -13.86 26.26
N ILE B 106 23.60 -14.17 25.04
CA ILE B 106 22.43 -13.49 24.46
C ILE B 106 21.21 -13.71 25.36
N ARG B 107 21.05 -14.93 25.86
CA ARG B 107 19.93 -15.28 26.73
C ARG B 107 20.01 -14.59 28.09
N LEU B 108 21.17 -14.63 28.72
CA LEU B 108 21.37 -13.96 30.03
C LEU B 108 20.92 -12.52 29.95
N LYS B 109 21.36 -11.82 28.89
CA LYS B 109 21.04 -10.42 28.65
C LYS B 109 19.54 -10.21 28.41
N MET B 110 18.96 -11.10 27.60
CA MET B 110 17.53 -11.08 27.27
C MET B 110 16.71 -11.28 28.54
N CYS B 111 17.03 -12.34 29.28
CA CYS B 111 16.45 -12.61 30.60
C CYS B 111 16.67 -11.45 31.58
N GLY B 112 17.82 -10.79 31.46
CA GLY B 112 18.16 -9.65 32.29
C GLY B 112 17.27 -8.44 32.05
N TYR B 113 17.04 -8.11 30.79
CA TYR B 113 16.16 -6.98 30.44
C TYR B 113 14.71 -7.16 30.87
N GLN B 114 14.26 -8.41 31.05
CA GLN B 114 12.93 -8.68 31.61
C GLN B 114 12.78 -8.19 33.05
N ALA B 115 13.89 -8.15 33.80
CA ALA B 115 13.88 -7.71 35.21
C ALA B 115 13.59 -6.22 35.37
N TYR B 116 14.00 -5.42 34.39
CA TYR B 116 13.65 -3.98 34.33
C TYR B 116 12.13 -3.67 34.19
N PHE B 117 11.28 -4.70 34.09
CA PHE B 117 9.83 -4.51 34.04
C PHE B 117 9.16 -4.95 35.34
N SER B 118 8.16 -4.19 35.73
CA SER B 118 7.22 -4.55 36.78
C SER B 118 5.85 -4.65 36.12
N ARG B 119 4.81 -4.88 36.92
CA ARG B 119 3.43 -4.97 36.40
C ARG B 119 2.80 -3.60 36.09
N THR B 120 3.18 -2.56 36.82
CA THR B 120 2.75 -1.18 36.52
C THR B 120 3.48 -0.63 35.28
N GLY B 121 4.81 -0.77 35.27
CA GLY B 121 5.63 -0.27 34.16
C GLY B 121 7.10 -0.64 34.31
N ARG B 122 7.97 0.26 33.86
CA ARG B 122 9.42 0.04 33.85
C ARG B 122 10.05 0.42 35.19
N LYS B 123 10.96 -0.42 35.68
CA LYS B 123 11.63 -0.23 36.97
C LYS B 123 12.91 0.56 36.81
N GLU B 124 13.41 1.06 37.95
CA GLU B 124 14.64 1.84 38.00
C GLU B 124 15.85 0.90 37.88
N ILE B 125 15.74 -0.26 38.53
CA ILE B 125 16.80 -1.28 38.57
C ILE B 125 16.25 -2.63 38.10
N PRO B 126 17.14 -3.54 37.62
CA PRO B 126 16.67 -4.85 37.16
C PRO B 126 16.47 -5.85 38.31
N SER B 127 15.51 -5.55 39.19
CA SER B 127 15.27 -6.37 40.38
C SER B 127 14.26 -7.50 40.13
N GLY B 128 13.50 -7.39 39.05
CA GLY B 128 12.40 -8.32 38.80
C GLY B 128 12.79 -9.74 38.41
N ASN B 129 11.75 -10.53 38.15
CA ASN B 129 11.88 -11.89 37.64
C ASN B 129 12.44 -11.87 36.21
N ARG B 130 13.24 -12.88 35.87
CA ARG B 130 13.92 -12.96 34.57
C ARG B 130 13.37 -14.07 33.64
N THR B 131 12.21 -14.61 33.98
CA THR B 131 11.64 -15.74 33.25
C THR B 131 10.14 -15.53 33.06
N LYS B 132 9.81 -14.41 32.43
CA LYS B 132 8.43 -13.98 32.18
C LYS B 132 7.95 -14.48 30.82
N ARG B 133 6.67 -14.26 30.55
CA ARG B 133 6.08 -14.57 29.26
C ARG B 133 6.59 -13.54 28.25
N ILE B 134 7.10 -14.01 27.12
CA ILE B 134 7.72 -13.14 26.11
C ILE B 134 7.39 -13.57 24.68
N LEU B 135 7.42 -12.60 23.76
CA LEU B 135 7.14 -12.84 22.35
C LEU B 135 8.37 -12.47 21.53
N ILE B 136 8.88 -13.41 20.73
CA ILE B 136 10.10 -13.19 19.93
C ILE B 136 9.68 -12.95 18.48
N ASN B 137 9.89 -11.74 17.98
CA ASN B 137 9.60 -11.39 16.61
C ASN B 137 10.88 -11.33 15.78
N VAL B 138 10.87 -11.98 14.63
CA VAL B 138 11.85 -11.75 13.57
C VAL B 138 11.15 -10.83 12.56
N PRO B 139 11.73 -9.65 12.28
CA PRO B 139 11.07 -8.77 11.31
C PRO B 139 11.00 -9.41 9.91
N GLY B 140 9.84 -9.27 9.26
CA GLY B 140 9.62 -9.81 7.91
C GLY B 140 9.06 -11.23 7.82
N ILE B 141 9.05 -11.95 8.94
CA ILE B 141 8.71 -13.37 8.95
C ILE B 141 7.30 -13.53 9.53
N TYR B 142 6.40 -14.11 8.73
CA TYR B 142 5.03 -14.42 9.17
C TYR B 142 4.68 -15.91 9.00
N SER B 143 5.70 -16.75 8.82
CA SER B 143 5.54 -18.16 8.51
C SER B 143 5.48 -19.02 9.77
N ASP B 144 4.36 -19.72 9.98
CA ASP B 144 4.21 -20.66 11.11
C ASP B 144 5.16 -21.87 11.00
N SER B 145 5.48 -22.27 9.78
CA SER B 145 6.41 -23.37 9.55
C SER B 145 7.85 -23.01 9.95
N PHE B 146 8.23 -21.74 9.82
CA PHE B 146 9.55 -21.28 10.26
C PHE B 146 9.69 -21.48 11.77
N TRP B 147 8.77 -20.90 12.53
CA TRP B 147 8.76 -21.05 13.99
C TRP B 147 8.57 -22.51 14.45
N ALA B 148 7.82 -23.28 13.68
CA ALA B 148 7.66 -24.70 13.94
C ALA B 148 8.99 -25.44 13.93
N SER B 149 9.84 -25.15 12.94
CA SER B 149 11.17 -25.77 12.83
C SER B 149 12.12 -25.37 13.96
N ILE B 150 11.97 -24.15 14.47
CA ILE B 150 12.79 -23.63 15.57
C ILE B 150 12.47 -24.39 16.86
N ILE B 151 11.18 -24.65 17.08
CA ILE B 151 10.72 -25.44 18.23
C ILE B 151 11.13 -26.91 18.06
N ARG B 152 10.97 -27.42 16.84
CA ARG B 152 11.26 -28.81 16.48
C ARG B 152 12.74 -29.16 16.57
N GLY B 153 13.59 -28.27 16.07
CA GLY B 153 15.04 -28.47 16.07
C GLY B 153 15.61 -28.96 14.75
N GLU B 154 14.78 -29.46 13.85
CA GLU B 154 15.21 -29.75 12.48
C GLU B 154 15.08 -28.50 11.60
N LEU B 155 16.23 -27.95 11.20
CA LEU B 155 16.29 -26.76 10.36
C LEU B 155 16.55 -27.11 8.92
N SER B 156 16.19 -26.19 8.04
CA SER B 156 16.47 -26.31 6.60
C SER B 156 17.92 -25.88 6.34
N GLU B 157 18.52 -26.43 5.29
CA GLU B 157 19.87 -26.02 4.89
C GLU B 157 19.79 -24.62 4.30
N LEU B 158 20.86 -23.84 4.44
CA LEU B 158 20.89 -22.45 3.95
C LEU B 158 20.75 -22.34 2.43
N SER B 159 21.26 -23.34 1.72
CA SER B 159 21.16 -23.39 0.25
C SER B 159 19.75 -23.73 -0.27
N GLN B 160 18.88 -24.22 0.62
CA GLN B 160 17.52 -24.65 0.26
C GLN B 160 16.74 -23.55 -0.48
N PRO B 161 16.25 -23.84 -1.70
CA PRO B 161 15.33 -22.91 -2.37
C PRO B 161 13.98 -22.78 -1.69
N THR B 162 13.34 -21.63 -1.86
CA THR B 162 12.05 -21.37 -1.23
C THR B 162 11.26 -20.28 -1.95
N ASP B 163 9.93 -20.32 -1.80
CA ASP B 163 9.04 -19.28 -2.33
C ASP B 163 8.89 -18.06 -1.39
N ASP B 164 9.24 -18.23 -0.11
CA ASP B 164 9.18 -17.15 0.88
C ASP B 164 10.38 -16.23 0.69
N GLU B 165 10.12 -14.96 0.36
CA GLU B 165 11.18 -14.00 0.03
C GLU B 165 11.88 -13.48 1.29
N SER B 166 11.17 -13.42 2.42
CA SER B 166 11.79 -13.11 3.71
C SER B 166 12.78 -14.20 4.13
N LEU B 167 12.42 -15.45 3.82
CA LEU B 167 13.22 -16.62 4.15
C LEU B 167 14.43 -16.71 3.23
N LEU B 168 14.26 -16.29 1.99
CA LEU B 168 15.35 -16.20 1.01
C LEU B 168 16.42 -15.20 1.46
N ASN B 169 15.99 -13.98 1.78
CA ASN B 169 16.89 -12.90 2.22
C ASN B 169 17.69 -13.30 3.46
N MET B 170 16.98 -13.86 4.43
CA MET B 170 17.56 -14.41 5.66
C MET B 170 18.69 -15.39 5.36
N ARG B 171 18.45 -16.31 4.44
CA ARG B 171 19.47 -17.30 4.02
C ARG B 171 20.61 -16.70 3.23
N VAL B 172 20.33 -15.72 2.36
CA VAL B 172 21.36 -15.03 1.61
C VAL B 172 22.27 -14.24 2.54
N SER B 173 21.69 -13.43 3.43
CA SER B 173 22.45 -12.67 4.44
C SER B 173 23.53 -13.51 5.16
N LYS B 174 23.24 -14.79 5.41
CA LYS B 174 24.20 -15.73 5.99
C LYS B 174 25.17 -16.26 4.92
N LEU B 175 24.66 -16.61 3.74
CA LEU B 175 25.50 -17.11 2.63
C LEU B 175 26.55 -16.12 2.08
N ILE B 176 26.32 -14.82 2.27
CA ILE B 176 27.29 -13.77 1.85
C ILE B 176 28.62 -13.91 2.60
N LYS B 177 28.57 -14.30 3.87
CA LYS B 177 29.78 -14.50 4.68
C LYS B 177 30.64 -15.71 4.26
N LYS B 178 30.01 -16.71 3.63
CA LYS B 178 30.70 -17.94 3.20
C LYS B 178 31.24 -17.78 1.78
N THR B 179 32.29 -18.53 1.45
CA THR B 179 32.85 -18.56 0.09
C THR B 179 32.03 -19.47 -0.81
N LEU B 180 31.37 -18.88 -1.80
CA LEU B 180 30.46 -19.60 -2.69
C LEU B 180 31.09 -19.85 -4.05
N SER B 181 31.12 -21.11 -4.48
CA SER B 181 31.45 -21.44 -5.88
C SER B 181 30.21 -21.19 -6.75
N GLN B 182 30.43 -21.07 -8.06
CA GLN B 182 29.37 -20.84 -9.03
C GLN B 182 28.25 -21.88 -8.88
N PRO B 183 27.04 -21.46 -8.46
CA PRO B 183 25.91 -22.38 -8.33
C PRO B 183 25.20 -22.56 -9.67
N GLU B 184 24.72 -23.77 -9.95
CA GLU B 184 24.11 -24.08 -11.24
C GLU B 184 22.74 -23.41 -11.41
N GLY B 185 21.85 -23.55 -10.41
CA GLY B 185 20.55 -22.87 -10.40
C GLY B 185 19.41 -23.71 -10.95
N SER B 186 18.43 -23.03 -11.55
CA SER B 186 17.27 -23.69 -12.16
C SER B 186 16.92 -23.01 -13.49
N ARG B 187 17.13 -23.73 -14.59
CA ARG B 187 16.73 -23.25 -15.92
C ARG B 187 15.21 -23.21 -16.09
N LYS B 188 14.49 -24.11 -15.41
CA LYS B 188 13.03 -24.10 -15.34
C LYS B 188 12.60 -24.00 -13.87
N PRO B 189 12.45 -22.77 -13.35
CA PRO B 189 12.05 -22.59 -11.95
C PRO B 189 10.61 -22.98 -11.70
N VAL B 190 10.32 -23.44 -10.48
CA VAL B 190 9.01 -23.99 -10.15
C VAL B 190 8.07 -22.88 -9.67
N GLU B 191 6.98 -22.69 -10.40
CA GLU B 191 5.92 -21.75 -10.00
C GLU B 191 5.03 -22.40 -8.94
N VAL B 192 4.39 -21.56 -8.12
CA VAL B 192 3.48 -22.05 -7.08
C VAL B 192 2.40 -21.01 -6.77
N GLU B 193 1.15 -21.49 -6.68
CA GLU B 193 0.02 -20.65 -6.30
C GLU B 193 0.02 -20.45 -4.78
N ARG B 194 -0.21 -19.22 -4.36
CA ARG B 194 -0.11 -18.81 -2.96
C ARG B 194 -1.16 -17.76 -2.62
N LEU B 195 -1.49 -17.65 -1.34
CA LEU B 195 -2.35 -16.56 -0.85
C LEU B 195 -1.47 -15.58 -0.08
N GLN B 196 -1.75 -14.29 -0.26
CA GLN B 196 -1.10 -13.23 0.50
C GLN B 196 -2.11 -12.17 0.93
N LYS B 197 -1.87 -11.60 2.11
CA LYS B 197 -2.69 -10.52 2.67
C LYS B 197 -2.11 -9.18 2.22
N VAL B 198 -2.93 -8.39 1.52
CA VAL B 198 -2.55 -7.05 1.06
C VAL B 198 -3.69 -6.06 1.32
N TYR B 199 -3.32 -4.83 1.72
CA TYR B 199 -4.30 -3.78 2.05
C TYR B 199 -4.79 -3.02 0.81
N VAL B 200 -6.09 -2.71 0.78
CA VAL B 200 -6.67 -1.82 -0.24
C VAL B 200 -6.19 -0.38 0.00
N ARG B 201 -5.45 0.15 -0.97
CA ARG B 201 -4.81 1.47 -0.84
C ARG B 201 -5.61 2.54 -1.56
N ASP B 202 -5.42 3.78 -1.10
CA ASP B 202 -6.14 4.95 -1.60
C ASP B 202 -5.26 5.72 -2.63
N PRO B 203 -5.69 5.75 -3.91
CA PRO B 203 -4.91 6.47 -4.93
C PRO B 203 -4.83 7.98 -4.72
N MET B 204 -5.85 8.55 -4.08
CA MET B 204 -5.88 9.98 -3.77
C MET B 204 -4.86 10.36 -2.70
N VAL B 205 -4.72 9.53 -1.66
CA VAL B 205 -3.72 9.76 -0.60
C VAL B 205 -2.31 9.63 -1.20
N GLU B 206 -2.11 8.64 -2.06
CA GLU B 206 -0.83 8.47 -2.77
C GLU B 206 -0.54 9.68 -3.66
N ALA B 207 -1.52 10.04 -4.49
CA ALA B 207 -1.38 11.15 -5.45
C ALA B 207 -1.16 12.52 -4.80
N TRP B 208 -1.88 12.78 -3.71
CA TRP B 208 -1.76 14.04 -2.95
C TRP B 208 -0.34 14.19 -2.40
N ILE B 209 0.19 13.12 -1.80
CA ILE B 209 1.53 13.11 -1.19
C ILE B 209 2.64 13.29 -2.23
N LEU B 210 2.42 12.82 -3.45
CA LEU B 210 3.38 12.98 -4.54
C LEU B 210 3.43 14.42 -5.09
N GLN B 211 2.28 15.07 -5.20
CA GLN B 211 2.19 16.47 -5.64
C GLN B 211 2.86 17.43 -4.65
N GLN B 212 2.58 17.24 -3.36
CA GLN B 212 3.10 18.10 -2.30
C GLN B 212 4.62 17.99 -2.18
N SER B 213 5.17 16.81 -2.47
CA SER B 213 6.61 16.60 -2.48
C SER B 213 7.33 17.42 -3.55
N LYS B 214 6.65 17.68 -4.67
CA LYS B 214 7.22 18.37 -5.82
C LYS B 214 8.38 17.56 -6.45
N GLY B 215 8.26 16.23 -6.40
CA GLY B 215 9.29 15.35 -6.92
C GLY B 215 10.65 15.39 -6.23
N ILE B 216 10.69 15.86 -4.98
CA ILE B 216 11.91 15.75 -4.15
C ILE B 216 11.64 14.79 -2.99
N CYS B 217 12.62 13.93 -2.70
CA CYS B 217 12.54 13.01 -1.57
C CYS B 217 12.42 13.82 -0.28
N GLU B 218 11.57 13.35 0.63
CA GLU B 218 11.31 14.07 1.88
C GLU B 218 12.27 13.71 3.04
N ASN B 219 13.04 12.63 2.90
CA ASN B 219 14.10 12.26 3.86
C ASN B 219 15.44 12.88 3.46
N CYS B 220 16.01 12.45 2.33
CA CYS B 220 17.18 13.10 1.75
C CYS B 220 16.69 14.25 0.88
N GLY B 221 17.51 15.28 0.73
CA GLY B 221 17.11 16.48 -0.03
C GLY B 221 16.95 16.32 -1.54
N LYS B 222 17.41 15.20 -2.10
CA LYS B 222 17.58 15.05 -3.55
C LYS B 222 16.28 14.88 -4.31
N ASN B 223 16.36 15.11 -5.62
CA ASN B 223 15.22 15.01 -6.53
C ASN B 223 15.06 13.56 -7.03
N ALA B 224 13.88 13.23 -7.57
CA ALA B 224 13.56 11.86 -8.00
C ALA B 224 14.54 11.31 -9.06
N PRO B 225 14.91 10.01 -8.95
CA PRO B 225 15.95 9.42 -9.82
C PRO B 225 15.61 9.33 -11.31
N PHE B 226 14.43 8.82 -11.63
CA PHE B 226 14.00 8.64 -13.02
C PHE B 226 12.55 9.11 -13.18
N TYR B 227 12.10 9.13 -14.44
CA TYR B 227 10.76 9.59 -14.81
C TYR B 227 9.99 8.49 -15.54
N LEU B 228 8.68 8.46 -15.32
CA LEU B 228 7.81 7.41 -15.88
C LEU B 228 7.59 7.63 -17.38
N ASN B 229 6.97 6.65 -18.03
CA ASN B 229 6.52 6.78 -19.41
C ASN B 229 5.57 7.97 -19.65
N ASP B 230 4.70 8.24 -18.68
CA ASP B 230 3.77 9.39 -18.74
C ASP B 230 4.39 10.76 -18.43
N GLY B 231 5.62 10.78 -17.90
CA GLY B 231 6.37 12.02 -17.65
C GLY B 231 6.55 12.41 -16.20
N ASN B 232 5.75 11.83 -15.30
CA ASN B 232 5.84 12.12 -13.86
C ASN B 232 7.12 11.58 -13.23
N PRO B 233 7.57 12.19 -12.11
CA PRO B 233 8.73 11.67 -11.39
C PRO B 233 8.38 10.46 -10.55
N TYR B 234 9.34 9.54 -10.39
CA TYR B 234 9.13 8.36 -9.54
C TYR B 234 9.69 8.56 -8.13
N LEU B 235 8.77 8.71 -7.18
CA LEU B 235 9.03 8.50 -5.76
C LEU B 235 8.10 7.38 -5.29
N GLU B 236 8.29 6.93 -4.05
CA GLU B 236 7.45 5.88 -3.45
C GLU B 236 6.86 6.42 -2.17
N VAL B 237 5.54 6.28 -2.02
CA VAL B 237 4.87 6.73 -0.81
C VAL B 237 5.03 5.65 0.26
N HIS B 238 5.40 6.07 1.46
CA HIS B 238 5.66 5.18 2.59
C HIS B 238 4.82 5.58 3.79
N HIS B 239 4.16 4.60 4.41
CA HIS B 239 3.41 4.83 5.65
C HIS B 239 4.35 4.73 6.86
N VAL B 240 4.52 5.84 7.57
CA VAL B 240 5.52 5.96 8.65
C VAL B 240 5.20 4.99 9.78
N ILE B 241 3.91 4.87 10.11
CA ILE B 241 3.39 3.79 10.93
C ILE B 241 2.77 2.78 9.94
N PRO B 242 3.42 1.61 9.73
CA PRO B 242 2.96 0.65 8.71
C PRO B 242 1.52 0.14 8.86
N LEU B 243 0.99 -0.39 7.76
CA LEU B 243 -0.37 -0.92 7.73
C LEU B 243 -0.45 -2.33 8.32
N SER B 244 0.64 -3.09 8.20
CA SER B 244 0.80 -4.36 8.92
C SER B 244 0.72 -4.21 10.44
N SER B 245 1.22 -3.07 10.95
CA SER B 245 1.15 -2.74 12.38
C SER B 245 -0.07 -1.87 12.76
N GLY B 246 -1.11 -1.85 11.92
CA GLY B 246 -2.38 -1.19 12.23
C GLY B 246 -2.45 0.32 12.03
N GLY B 247 -1.56 0.86 11.19
CA GLY B 247 -1.51 2.30 10.93
C GLY B 247 -2.62 2.77 10.02
N ALA B 248 -2.81 4.10 9.99
CA ALA B 248 -3.81 4.75 9.15
C ALA B 248 -3.29 4.96 7.72
N ASP B 249 -4.20 4.97 6.75
CA ASP B 249 -3.90 5.33 5.37
C ASP B 249 -4.38 6.77 5.12
N THR B 250 -3.64 7.71 5.71
CA THR B 250 -3.96 9.13 5.66
C THR B 250 -2.72 9.95 5.32
N THR B 251 -2.94 11.09 4.69
CA THR B 251 -1.88 12.07 4.40
C THR B 251 -1.01 12.45 5.62
N ASP B 252 -1.58 12.39 6.81
CA ASP B 252 -0.85 12.68 8.06
C ASP B 252 0.00 11.53 8.64
N ASN B 253 0.17 10.43 7.90
CA ASN B 253 1.29 9.49 8.17
C ASN B 253 1.92 8.86 6.90
N CYS B 254 1.75 9.52 5.75
CA CYS B 254 2.35 9.09 4.48
C CYS B 254 3.45 10.06 4.09
N VAL B 255 4.43 9.58 3.34
CA VAL B 255 5.58 10.39 2.94
C VAL B 255 6.21 9.86 1.65
N ALA B 256 6.55 10.77 0.74
CA ALA B 256 7.14 10.41 -0.55
C ALA B 256 8.66 10.37 -0.42
N LEU B 257 9.27 9.29 -0.91
CA LEU B 257 10.71 9.07 -0.79
C LEU B 257 11.25 8.49 -2.10
N CYS B 258 12.54 8.66 -2.34
CA CYS B 258 13.21 7.96 -3.44
C CYS B 258 13.38 6.48 -3.03
N PRO B 259 13.42 5.56 -4.01
CA PRO B 259 13.53 4.12 -3.72
C PRO B 259 14.57 3.77 -2.63
N ASN B 260 15.73 4.41 -2.66
CA ASN B 260 16.81 4.18 -1.70
C ASN B 260 16.46 4.56 -0.25
N CYS B 261 15.82 5.71 -0.07
CA CYS B 261 15.38 6.16 1.26
C CYS B 261 14.23 5.31 1.82
N HIS B 262 13.32 4.90 0.94
CA HIS B 262 12.22 3.99 1.32
C HIS B 262 12.74 2.64 1.80
N ARG B 263 13.85 2.19 1.20
CA ARG B 263 14.58 1.01 1.68
C ARG B 263 15.28 1.32 3.02
N GLU B 264 15.96 2.45 3.12
CA GLU B 264 16.67 2.85 4.34
C GLU B 264 15.78 2.77 5.58
N LEU B 265 14.58 3.30 5.48
CA LEU B 265 13.65 3.36 6.63
C LEU B 265 13.13 1.98 7.09
N HIS B 266 13.13 0.98 6.21
CA HIS B 266 12.76 -0.39 6.58
C HIS B 266 13.92 -1.13 7.26
N TYR B 267 15.12 -1.06 6.67
CA TYR B 267 16.22 -1.99 6.98
C TYR B 267 17.48 -1.44 7.65
N SER B 268 17.70 -0.13 7.60
CA SER B 268 19.00 0.44 8.00
C SER B 268 19.28 0.30 9.50
N LYS B 269 20.56 0.27 9.83
CA LYS B 269 21.01 0.26 11.23
C LYS B 269 20.64 1.54 11.99
N ASN B 270 20.61 2.67 11.27
CA ASN B 270 20.21 3.98 11.85
C ASN B 270 18.75 4.39 11.53
N ALA B 271 17.87 3.41 11.32
CA ALA B 271 16.48 3.67 10.90
C ALA B 271 15.65 4.41 11.95
N LYS B 272 15.96 4.22 13.23
CA LYS B 272 15.28 4.90 14.34
C LYS B 272 15.56 6.42 14.36
N GLU B 273 16.75 6.84 13.90
CA GLU B 273 17.09 8.26 13.80
C GLU B 273 16.30 8.98 12.71
N LEU B 274 16.21 8.35 11.55
CA LEU B 274 15.54 8.95 10.38
C LEU B 274 14.01 9.03 10.54
N ILE B 275 13.42 8.08 11.28
CA ILE B 275 11.97 8.05 11.49
C ILE B 275 11.50 9.14 12.47
N GLU B 276 12.33 9.45 13.48
CA GLU B 276 12.06 10.57 14.39
C GLU B 276 12.36 11.91 13.71
N MET B 277 13.44 11.96 12.94
CA MET B 277 13.83 13.15 12.16
C MET B 277 12.70 13.69 11.30
N LEU B 278 11.97 12.79 10.64
CA LEU B 278 10.84 13.18 9.78
C LEU B 278 9.61 13.65 10.54
N TYR B 279 9.40 13.15 11.76
CA TYR B 279 8.32 13.67 12.63
C TYR B 279 8.57 15.10 13.15
N VAL B 280 9.81 15.59 13.07
CA VAL B 280 10.14 17.00 13.36
C VAL B 280 9.99 17.88 12.11
N ASN B 281 10.55 17.42 10.98
CA ASN B 281 10.60 18.20 9.74
C ASN B 281 9.23 18.41 9.10
N ILE B 282 8.48 17.31 8.96
CA ILE B 282 7.19 17.30 8.26
C ILE B 282 6.09 17.42 9.34
N ASN B 283 5.53 18.62 9.47
CA ASN B 283 4.58 18.93 10.56
C ASN B 283 3.20 18.27 10.43
N ARG B 284 2.79 17.98 9.19
CA ARG B 284 1.58 17.18 8.94
C ARG B 284 1.65 15.75 9.52
N LEU B 285 2.85 15.17 9.59
CA LEU B 285 3.04 13.83 10.16
C LEU B 285 2.70 13.82 11.66
N GLN B 286 1.65 13.09 12.02
CA GLN B 286 1.13 13.06 13.39
C GLN B 286 1.19 11.64 13.96
N LYS B 287 1.95 11.46 15.05
CA LYS B 287 2.15 10.15 15.68
C LYS B 287 1.10 9.89 16.75
#